data_2RIL
#
_entry.id   2RIL
#
_cell.length_a   48.931
_cell.length_b   63.155
_cell.length_c   27.283
_cell.angle_alpha   90.000
_cell.angle_beta   90.000
_cell.angle_gamma   90.000
#
_symmetry.space_group_name_H-M   'P 21 21 2'
#
loop_
_entity.id
_entity.type
_entity.pdbx_description
1 polymer 'Antibiotic biosynthesis monooxygenase'
2 non-polymer 'CHLORIDE ION'
3 non-polymer 'ACETATE ION'
4 non-polymer S-1,2-PROPANEDIOL
5 water water
#
_entity_poly.entity_id   1
_entity_poly.type   'polypeptide(L)'
_entity_poly.pdbx_seq_one_letter_code
;G(MSE)SAPVTLINPFKVPADKLEAAIEYWEAHRDF(MSE)AQQPGYLSTQLHQSIDEGATYQLINVAIWQSEADFYQAA
QK(MSE)RQALGHVQVEGL(CSD)GNPALYRVIRT
;
_entity_poly.pdbx_strand_id   A
#
loop_
_chem_comp.id
_chem_comp.type
_chem_comp.name
_chem_comp.formula
ACT non-polymer 'ACETATE ION' 'C2 H3 O2 -1'
CL non-polymer 'CHLORIDE ION' 'Cl -1'
PGO non-polymer S-1,2-PROPANEDIOL 'C3 H8 O2'
#
# COMPACT_ATOMS: atom_id res chain seq x y z
N GLY A 1 2.73 -0.33 24.41
CA GLY A 1 3.08 1.02 23.92
C GLY A 1 1.77 1.71 23.59
N MSE A 2 1.89 3.00 23.33
CA MSE A 2 0.77 3.81 22.90
C MSE A 2 0.73 3.78 21.39
O MSE A 2 1.79 3.82 20.73
CB MSE A 2 0.88 5.26 23.39
CG MSE A 2 0.77 5.43 24.86
SE MSE A 2 0.92 7.32 25.29
CE MSE A 2 2.71 7.69 24.70
N SER A 3 -0.47 3.84 20.85
CA SER A 3 -0.65 3.99 19.43
C SER A 3 -0.10 5.33 18.96
N ALA A 4 0.27 5.38 17.68
CA ALA A 4 0.70 6.58 17.00
C ALA A 4 0.56 6.32 15.50
N PRO A 5 0.43 7.38 14.70
CA PRO A 5 0.33 7.22 13.24
C PRO A 5 1.50 6.41 12.72
N VAL A 6 1.20 5.58 11.72
N VAL A 6 1.22 5.70 11.64
CA VAL A 6 2.19 4.73 11.07
CA VAL A 6 2.18 4.75 11.10
C VAL A 6 2.09 4.90 9.56
C VAL A 6 2.05 4.77 9.58
N THR A 7 3.15 4.50 8.89
CA THR A 7 3.21 4.55 7.44
C THR A 7 3.33 3.16 6.89
N LEU A 8 2.45 2.78 5.98
CA LEU A 8 2.62 1.54 5.21
C LEU A 8 3.47 1.93 4.01
N ILE A 9 4.57 1.19 3.75
CA ILE A 9 5.26 1.30 2.49
C ILE A 9 5.18 -0.08 1.84
N ASN A 10 4.66 -0.10 0.62
CA ASN A 10 4.44 -1.33 -0.11
C ASN A 10 5.02 -1.23 -1.51
N PRO A 11 6.25 -1.73 -1.70
CA PRO A 11 6.87 -1.74 -3.02
C PRO A 11 6.38 -2.92 -3.82
N PHE A 12 5.97 -2.66 -5.07
CA PHE A 12 5.46 -3.69 -5.96
C PHE A 12 6.39 -4.02 -7.14
N LYS A 13 6.58 -5.32 -7.39
CA LYS A 13 7.21 -5.77 -8.62
C LYS A 13 6.10 -5.97 -9.62
N VAL A 14 6.14 -5.13 -10.66
CA VAL A 14 5.11 -5.10 -11.72
C VAL A 14 5.63 -5.86 -12.93
N PRO A 15 4.87 -6.87 -13.39
CA PRO A 15 5.25 -7.58 -14.62
C PRO A 15 5.39 -6.68 -15.81
N ALA A 16 6.32 -7.03 -16.69
CA ALA A 16 6.54 -6.29 -17.90
C ALA A 16 5.23 -6.02 -18.62
N ASP A 17 5.04 -4.78 -19.02
CA ASP A 17 3.94 -4.35 -19.81
C ASP A 17 2.59 -4.37 -19.10
N LYS A 18 2.54 -4.60 -17.78
CA LYS A 18 1.27 -4.71 -17.05
C LYS A 18 1.03 -3.59 -16.02
N LEU A 19 1.61 -2.43 -16.24
CA LEU A 19 1.48 -1.35 -15.26
C LEU A 19 0.03 -0.92 -15.04
N GLU A 20 -0.74 -0.74 -16.12
CA GLU A 20 -2.09 -0.25 -15.92
C GLU A 20 -2.94 -1.25 -15.16
N ALA A 21 -2.81 -2.53 -15.48
CA ALA A 21 -3.53 -3.55 -14.77
C ALA A 21 -3.16 -3.53 -13.29
N ALA A 22 -1.88 -3.33 -13.00
CA ALA A 22 -1.43 -3.27 -11.59
C ALA A 22 -2.03 -2.07 -10.88
N ILE A 23 -2.03 -0.90 -11.54
CA ILE A 23 -2.70 0.30 -10.96
C ILE A 23 -4.14 0.03 -10.63
N GLU A 24 -4.86 -0.60 -11.55
CA GLU A 24 -6.29 -0.79 -11.37
C GLU A 24 -6.58 -1.81 -10.24
N TYR A 25 -5.73 -2.83 -10.13
CA TYR A 25 -5.78 -3.77 -9.00
C TYR A 25 -5.55 -3.01 -7.68
N TRP A 26 -4.54 -2.16 -7.68
CA TRP A 26 -4.22 -1.37 -6.52
C TRP A 26 -5.42 -0.49 -6.14
N GLU A 27 -6.03 0.16 -7.12
CA GLU A 27 -7.18 1.04 -6.86
C GLU A 27 -8.36 0.32 -6.21
N ALA A 28 -8.65 -0.89 -6.68
CA ALA A 28 -9.72 -1.68 -6.07
C ALA A 28 -9.45 -1.95 -4.60
N HIS A 29 -8.20 -2.24 -4.27
CA HIS A 29 -7.79 -2.42 -2.90
C HIS A 29 -7.81 -1.15 -2.08
N ARG A 30 -7.37 -0.04 -2.65
N ARG A 30 -7.35 -0.03 -2.65
CA ARG A 30 -7.46 1.25 -2.01
CA ARG A 30 -7.47 1.28 -2.01
C ARG A 30 -8.90 1.65 -1.68
C ARG A 30 -8.92 1.58 -1.65
N ASP A 31 -9.81 1.37 -2.60
CA ASP A 31 -11.21 1.66 -2.35
C ASP A 31 -11.75 0.88 -1.12
N PHE A 32 -11.30 -0.34 -0.92
CA PHE A 32 -11.68 -1.07 0.29
C PHE A 32 -11.02 -0.47 1.51
N MSE A 33 -9.72 -0.25 1.45
CA MSE A 33 -8.99 0.24 2.64
C MSE A 33 -9.42 1.63 3.06
O MSE A 33 -9.47 1.94 4.26
CB MSE A 33 -7.49 0.23 2.33
CG MSE A 33 -6.87 -1.16 2.24
SE MSE A 33 -7.19 -2.28 3.81
CE MSE A 33 -5.36 -2.36 4.52
N ALA A 34 -9.81 2.44 2.09
CA ALA A 34 -10.16 3.81 2.36
C ALA A 34 -11.43 3.94 3.19
N GLN A 35 -12.21 2.86 3.22
CA GLN A 35 -13.41 2.75 4.05
C GLN A 35 -13.22 2.27 5.46
N GLN A 36 -11.99 1.94 5.81
CA GLN A 36 -11.69 1.29 7.07
C GLN A 36 -11.34 2.32 8.11
N PRO A 37 -11.74 2.07 9.36
CA PRO A 37 -11.36 2.97 10.41
C PRO A 37 -9.84 3.20 10.49
N GLY A 38 -9.45 4.45 10.64
CA GLY A 38 -8.05 4.77 10.84
C GLY A 38 -7.29 5.08 9.55
N TYR A 39 -7.90 4.88 8.39
CA TYR A 39 -7.24 5.21 7.14
C TYR A 39 -7.13 6.71 7.00
N LEU A 40 -5.93 7.23 6.77
CA LEU A 40 -5.75 8.67 6.65
C LEU A 40 -5.49 9.16 5.24
N SER A 41 -4.52 8.58 4.54
CA SER A 41 -4.17 9.05 3.24
C SER A 41 -3.27 8.05 2.54
N THR A 42 -3.10 8.22 1.22
CA THR A 42 -2.15 7.40 0.50
C THR A 42 -1.57 8.14 -0.69
N GLN A 43 -0.38 7.70 -1.10
CA GLN A 43 0.28 8.20 -2.28
C GLN A 43 0.88 7.03 -3.02
N LEU A 44 0.28 6.68 -4.15
CA LEU A 44 0.83 5.60 -4.98
C LEU A 44 1.84 6.27 -5.89
N HIS A 45 3.10 5.83 -5.81
CA HIS A 45 4.21 6.38 -6.58
C HIS A 45 4.52 5.45 -7.76
N GLN A 46 4.75 6.04 -8.93
CA GLN A 46 5.18 5.32 -10.13
C GLN A 46 6.59 5.73 -10.49
N SER A 47 7.42 4.75 -10.81
CA SER A 47 8.79 5.03 -11.17
C SER A 47 8.85 5.80 -12.48
N ILE A 48 9.80 6.74 -12.56
N ILE A 48 9.80 6.74 -12.53
CA ILE A 48 10.03 7.42 -13.84
CA ILE A 48 10.12 7.40 -13.80
C ILE A 48 10.70 6.49 -14.87
C ILE A 48 10.61 6.40 -14.83
N ASP A 49 11.53 5.55 -14.40
CA ASP A 49 12.21 4.53 -15.24
C ASP A 49 11.40 3.24 -15.19
N GLU A 50 10.93 2.77 -16.34
N GLU A 50 10.96 2.80 -16.36
CA GLU A 50 10.15 1.55 -16.40
CA GLU A 50 10.21 1.57 -16.50
C GLU A 50 10.95 0.32 -15.96
C GLU A 50 10.95 0.36 -15.95
N GLY A 51 12.27 0.45 -15.93
CA GLY A 51 13.14 -0.65 -15.51
C GLY A 51 13.46 -0.71 -14.05
N ALA A 52 12.90 0.22 -13.26
CA ALA A 52 13.09 0.18 -11.82
C ALA A 52 12.65 -1.19 -11.26
N THR A 53 13.28 -1.63 -10.17
CA THR A 53 12.85 -2.85 -9.51
C THR A 53 11.36 -2.75 -9.15
N TYR A 54 10.97 -1.61 -8.58
CA TYR A 54 9.61 -1.42 -8.10
C TYR A 54 8.97 -0.30 -8.93
N GLN A 55 8.20 -0.65 -9.97
N GLN A 55 8.18 -0.66 -9.94
CA GLN A 55 7.59 0.39 -10.80
CA GLN A 55 7.58 0.34 -10.78
C GLN A 55 6.45 1.11 -10.06
C GLN A 55 6.48 1.11 -10.04
N LEU A 56 5.91 0.49 -9.01
CA LEU A 56 4.93 1.10 -8.10
C LEU A 56 5.36 0.92 -6.68
N ILE A 57 5.26 1.98 -5.88
CA ILE A 57 5.43 1.91 -4.44
C ILE A 57 4.36 2.72 -3.79
N ASN A 58 3.50 2.09 -2.99
CA ASN A 58 2.49 2.84 -2.26
C ASN A 58 3.01 3.26 -0.90
N VAL A 59 2.65 4.48 -0.49
CA VAL A 59 2.99 5.01 0.83
C VAL A 59 1.71 5.55 1.44
N ALA A 60 1.18 4.85 2.46
CA ALA A 60 -0.11 5.20 3.07
C ALA A 60 0.07 5.51 4.53
N ILE A 61 -0.76 6.38 5.06
N ILE A 61 -0.76 6.38 5.07
CA ILE A 61 -0.72 6.78 6.44
CA ILE A 61 -0.68 6.81 6.45
C ILE A 61 -1.98 6.28 7.14
C ILE A 61 -1.96 6.37 7.19
N TRP A 62 -1.76 5.65 8.29
CA TRP A 62 -2.82 5.10 9.12
C TRP A 62 -2.73 5.72 10.53
N GLN A 63 -3.87 5.84 11.19
CA GLN A 63 -3.88 6.42 12.51
C GLN A 63 -3.13 5.61 13.57
N SER A 64 -3.08 4.28 13.39
CA SER A 64 -2.39 3.40 14.32
C SER A 64 -2.08 2.10 13.67
N GLU A 65 -1.14 1.38 14.29
CA GLU A 65 -0.85 0.00 13.89
C GLU A 65 -2.13 -0.85 14.00
N ALA A 66 -2.84 -0.73 15.12
CA ALA A 66 -4.04 -1.53 15.32
C ALA A 66 -5.02 -1.34 14.18
N ASP A 67 -5.26 -0.08 13.79
CA ASP A 67 -6.18 0.17 12.69
C ASP A 67 -5.75 -0.47 11.40
N PHE A 68 -4.48 -0.31 11.08
CA PHE A 68 -4.01 -0.99 9.89
C PHE A 68 -4.16 -2.51 9.91
N TYR A 69 -3.75 -3.15 11.02
CA TYR A 69 -3.80 -4.60 11.11
C TYR A 69 -5.24 -5.11 11.03
N GLN A 70 -6.13 -4.39 11.68
N GLN A 70 -6.19 -4.43 11.65
CA GLN A 70 -7.56 -4.70 11.67
CA GLN A 70 -7.60 -4.85 11.50
C GLN A 70 -8.11 -4.67 10.20
C GLN A 70 -8.04 -4.77 10.05
N ALA A 71 -7.70 -3.64 9.42
CA ALA A 71 -8.13 -3.40 8.05
C ALA A 71 -7.52 -4.47 7.14
N ALA A 72 -6.24 -4.81 7.37
CA ALA A 72 -5.58 -5.87 6.56
C ALA A 72 -6.25 -7.25 6.72
N GLN A 73 -6.65 -7.58 7.95
CA GLN A 73 -7.37 -8.83 8.22
C GLN A 73 -8.71 -8.83 7.49
N LYS A 74 -9.43 -7.72 7.56
CA LYS A 74 -10.69 -7.60 6.80
C LYS A 74 -10.53 -7.72 5.30
N MSE A 75 -9.41 -7.16 4.78
N MSE A 75 -9.45 -7.17 4.74
CA MSE A 75 -9.10 -7.19 3.36
CA MSE A 75 -9.30 -7.26 3.30
C MSE A 75 -8.92 -8.61 2.83
C MSE A 75 -9.05 -8.70 2.85
O MSE A 75 -9.32 -8.91 1.68
O MSE A 75 -9.56 -9.11 1.80
CB MSE A 75 -7.82 -6.34 3.07
CB MSE A 75 -8.26 -6.30 2.74
CG MSE A 75 -7.75 -5.78 1.64
CG MSE A 75 -8.58 -6.02 1.27
SE MSE A 75 -6.01 -4.94 1.18
SE MSE A 75 -7.43 -4.62 0.65
CE MSE A 75 -5.10 -6.61 0.99
CE MSE A 75 -5.90 -5.85 0.96
N ARG A 76 -8.35 -9.49 3.65
CA ARG A 76 -8.17 -10.92 3.32
C ARG A 76 -9.49 -11.63 3.15
N GLN A 77 -10.44 -11.26 3.99
CA GLN A 77 -11.79 -11.83 3.86
C GLN A 77 -12.53 -11.27 2.62
N ALA A 78 -12.52 -9.96 2.43
CA ALA A 78 -13.29 -9.30 1.36
C ALA A 78 -12.72 -9.45 -0.07
N LEU A 79 -11.39 -9.28 -0.22
CA LEU A 79 -10.73 -9.33 -1.53
C LEU A 79 -9.78 -10.51 -1.71
N GLY A 80 -9.69 -11.40 -0.74
CA GLY A 80 -8.75 -12.51 -0.81
C GLY A 80 -7.36 -12.20 -0.25
N GLU A 85 -1.62 -11.80 -12.10
CA GLU A 85 -0.62 -12.85 -12.07
C GLU A 85 0.77 -12.21 -12.02
N GLY A 86 1.52 -12.56 -10.99
CA GLY A 86 2.92 -12.23 -10.97
C GLY A 86 3.24 -10.90 -10.33
N LEU A 87 2.21 -10.05 -10.11
CA LEU A 87 2.34 -8.79 -9.31
C LEU A 87 2.67 -9.18 -7.90
N CSD A 88 3.72 -8.60 -7.32
CA CSD A 88 4.19 -9.00 -6.01
CB CSD A 88 5.52 -9.72 -6.28
SG CSD A 88 6.26 -10.57 -4.87
C CSD A 88 4.47 -7.78 -5.16
O CSD A 88 5.37 -7.03 -5.46
OD1 CSD A 88 4.68 -10.85 -4.07
OD2 CSD A 88 7.70 -9.64 -4.66
N GLY A 89 3.70 -7.60 -4.08
CA GLY A 89 4.00 -6.60 -3.03
C GLY A 89 4.83 -7.12 -1.88
N ASN A 90 5.18 -6.21 -0.97
CA ASN A 90 5.99 -6.51 0.21
C ASN A 90 5.70 -5.51 1.30
N PRO A 91 4.46 -5.50 1.79
CA PRO A 91 4.05 -4.43 2.68
C PRO A 91 4.74 -4.54 4.04
N ALA A 92 5.09 -3.39 4.60
CA ALA A 92 5.53 -3.30 5.98
C ALA A 92 5.17 -1.93 6.53
N LEU A 93 5.08 -1.85 7.86
CA LEU A 93 4.79 -0.59 8.56
C LEU A 93 6.07 0.05 9.05
N TYR A 94 6.06 1.38 9.07
CA TYR A 94 7.22 2.24 9.37
C TYR A 94 6.82 3.43 10.19
N ARG A 95 7.81 4.02 10.85
CA ARG A 95 7.66 5.38 11.37
C ARG A 95 8.82 6.20 10.89
N VAL A 96 8.64 7.51 10.79
CA VAL A 96 9.70 8.40 10.34
C VAL A 96 10.64 8.65 11.51
N ILE A 97 11.94 8.42 11.30
CA ILE A 97 12.95 8.58 12.32
C ILE A 97 13.95 9.71 12.09
N ARG A 98 14.11 10.19 10.85
CA ARG A 98 14.99 11.32 10.57
C ARG A 98 14.40 12.10 9.44
N THR A 99 14.69 13.40 9.44
CA THR A 99 14.35 14.26 8.35
C THR A 99 15.51 15.13 7.96
CL CL B . -0.77 -0.93 -0.89
C ACT C . -2.67 12.71 6.46
O ACT C . -1.99 12.17 5.58
OXT ACT C . -2.01 13.04 7.45
CH3 ACT C . -4.16 12.94 6.33
C1 PGO D . 14.86 15.30 12.99
C2 PGO D . 15.78 14.11 12.84
C3 PGO D . 16.60 13.96 14.12
O1 PGO D . 13.59 14.97 12.42
O2 PGO D . 16.57 14.16 11.64
#